data_1NRP
#
_entry.id   1NRP
#
_cell.length_a   128.300
_cell.length_b   51.100
_cell.length_c   63.000
_cell.angle_alpha   90.00
_cell.angle_beta   100.00
_cell.angle_gamma   90.00
#
_symmetry.space_group_name_H-M   'C 1 2 1'
#
loop_
_entity.id
_entity.type
_entity.pdbx_description
1 polymer 'ALPHA-THROMBIN (SMALL SUBUNIT)'
2 polymer 'ALPHA-THROMBIN (LARGE SUBUNIT)'
3 polymer "RECEPTOR BASED PEPTIDE NR'S"
4 water water
#
loop_
_entity_poly.entity_id
_entity_poly.type
_entity_poly.pdbx_seq_one_letter_code
_entity_poly.pdbx_strand_id
1 'polypeptide(L)' TFGSGEADCGLRPLFEKKSLEDKTERELLESYIDGR L
2 'polypeptide(L)'
;IVEGSDAEIGMSPWQVMLFRKSPQELLCGASLISDRWVLTAAHCLLYPPWDKNFTENDLLVRIGKHSRTRYERNIEKISM
LEKIYIHPRYNWRENLDRDIALMKLKKPVAFSDYIHPVCLPDRETAASLLQAGYKGRVTGWGNLKETWTANVGKGQPSVL
QVVNLPIVERPVCKDSTRIRITDNMFCAGYKPDEGKRGDACEGDSGGPFVMKSPFNNRWYQMGIVSWGEGCDRDGKYGFY
THVFRLKKWIQKVIDQFGE
;
H
3 'polypeptide(L)' LDP(HMR)SFLLRNPNDKYEPFWEDEE R
#
# COMPACT_ATOMS: atom_id res chain seq x y z
N ASP A 8 -4.38 15.89 -11.92
CA ASP A 8 -5.55 15.87 -11.01
C ASP A 8 -5.30 14.90 -9.85
N CYS A 9 -4.32 14.08 -10.13
CA CYS A 9 -3.83 13.02 -9.27
C CYS A 9 -3.69 13.55 -7.86
N GLY A 10 -3.42 12.70 -6.92
CA GLY A 10 -3.22 13.06 -5.52
C GLY A 10 -4.43 13.88 -5.08
N LEU A 11 -5.40 14.18 -5.94
CA LEU A 11 -6.53 15.01 -5.39
C LEU A 11 -7.93 14.35 -5.37
N ARG A 12 -8.09 13.68 -4.25
CA ARG A 12 -9.31 12.99 -3.91
C ARG A 12 -10.48 13.88 -4.23
N PRO A 13 -11.30 13.51 -5.20
CA PRO A 13 -12.51 14.24 -5.56
C PRO A 13 -13.66 14.25 -4.56
N LEU A 14 -13.45 13.94 -3.31
CA LEU A 14 -14.57 13.96 -2.33
C LEU A 14 -14.12 14.75 -1.10
N PHE A 15 -12.99 15.38 -1.30
CA PHE A 15 -12.41 16.17 -0.17
C PHE A 15 -11.68 17.38 -0.71
N GLU A 16 -10.41 17.25 -0.96
CA GLU A 16 -9.58 18.28 -1.54
C GLU A 16 -10.35 19.00 -2.65
N LYS A 17 -10.75 18.12 -3.56
CA LYS A 17 -11.42 18.56 -4.80
C LYS A 17 -12.72 19.33 -4.52
N LYS A 18 -12.90 19.68 -3.26
CA LYS A 18 -14.06 20.48 -2.78
C LYS A 18 -13.91 20.68 -1.26
N SER A 19 -12.65 20.94 -0.97
CA SER A 19 -12.05 21.20 0.37
C SER A 19 -12.70 20.47 1.60
N LEU A 20 -13.12 19.17 1.46
CA LEU A 20 -13.64 18.31 2.62
C LEU A 20 -12.34 17.90 3.37
N GLU A 21 -12.34 17.65 4.68
CA GLU A 21 -11.06 17.24 5.37
C GLU A 21 -11.28 15.92 6.10
N ASP A 22 -10.71 14.82 5.60
CA ASP A 22 -10.88 13.50 6.24
C ASP A 22 -10.37 13.52 7.69
N LYS A 23 -11.30 13.21 8.53
CA LYS A 23 -11.18 13.16 9.99
C LYS A 23 -9.84 12.67 10.57
N THR A 24 -8.95 11.99 9.83
CA THR A 24 -7.66 11.55 10.48
C THR A 24 -6.42 12.16 9.76
N GLU A 25 -6.70 13.03 8.76
CA GLU A 25 -5.67 13.74 7.93
C GLU A 25 -5.02 14.91 8.66
N ARG A 26 -5.82 15.62 9.48
CA ARG A 26 -5.28 16.78 10.23
C ARG A 26 -4.14 16.33 11.14
N GLU A 27 -4.19 15.10 11.58
CA GLU A 27 -3.26 14.39 12.43
C GLU A 27 -1.95 14.12 11.73
N LEU A 28 -2.04 14.21 10.44
CA LEU A 28 -0.92 13.98 9.50
C LEU A 28 0.07 15.13 9.55
N LEU A 29 -0.48 16.32 9.39
CA LEU A 29 0.15 17.63 9.41
C LEU A 29 1.03 17.91 10.62
N GLU A 30 0.49 17.65 11.78
CA GLU A 30 1.17 17.88 13.05
C GLU A 30 2.30 16.94 13.37
N SER A 31 3.04 16.63 12.30
CA SER A 31 4.20 15.73 12.38
C SER A 31 5.31 16.32 11.54
N TYR A 32 4.84 17.05 10.54
CA TYR A 32 5.71 17.75 9.58
C TYR A 32 6.14 19.08 10.25
N ILE A 33 5.24 19.60 11.09
CA ILE A 33 5.47 20.87 11.84
C ILE A 33 5.38 20.64 13.39
N ASP A 34 5.23 19.38 13.74
CA ASP A 34 5.17 18.89 15.16
C ASP A 34 4.45 19.87 16.13
N GLY A 35 3.25 19.43 16.40
CA GLY A 35 2.23 20.04 17.27
C GLY A 35 2.67 21.04 18.39
N ARG A 36 2.90 20.51 19.64
CA ARG A 36 2.99 21.46 20.78
C ARG A 36 3.92 21.15 21.97
N ILE B 1 -4.85 -4.31 8.45
CA ILE B 1 -4.51 -3.12 9.23
C ILE B 1 -4.76 -3.40 10.72
N VAL B 2 -3.68 -3.56 11.47
CA VAL B 2 -3.66 -3.73 12.94
C VAL B 2 -3.90 -2.29 13.53
N GLU B 3 -4.83 -2.26 14.47
CA GLU B 3 -5.21 -1.04 15.16
C GLU B 3 -5.32 0.14 14.22
N GLY B 4 -6.45 0.29 13.57
CA GLY B 4 -6.65 1.42 12.64
C GLY B 4 -8.17 1.64 12.73
N SER B 5 -8.72 2.31 11.77
CA SER B 5 -10.17 2.57 11.77
C SER B 5 -10.64 2.54 10.32
N ASP B 6 -11.93 2.39 10.21
CA ASP B 6 -12.71 2.28 8.98
C ASP B 6 -12.69 3.59 8.21
N ALA B 7 -12.41 3.47 6.95
CA ALA B 7 -12.31 4.46 5.91
C ALA B 7 -13.59 5.28 5.82
N GLU B 8 -13.63 5.99 4.71
CA GLU B 8 -14.76 6.87 4.39
C GLU B 8 -14.85 7.01 2.89
N ILE B 9 -16.08 7.02 2.46
CA ILE B 9 -16.43 7.05 1.05
C ILE B 9 -15.62 8.00 0.20
N GLY B 10 -14.47 7.69 -0.35
CA GLY B 10 -13.76 8.64 -1.23
C GLY B 10 -12.39 9.09 -0.83
N MET B 11 -11.91 8.75 0.29
CA MET B 11 -10.68 9.00 0.97
C MET B 11 -9.43 8.26 0.52
N SER B 12 -9.47 7.53 -0.54
CA SER B 12 -8.34 6.68 -1.04
C SER B 12 -8.78 6.05 -2.36
N PRO B 13 -9.32 6.91 -3.22
CA PRO B 13 -9.88 6.48 -4.51
C PRO B 13 -8.91 5.78 -5.43
N TRP B 14 -7.78 5.40 -4.96
CA TRP B 14 -6.71 4.77 -5.71
C TRP B 14 -6.40 3.42 -5.08
N GLN B 15 -7.28 3.01 -4.16
CA GLN B 15 -7.01 1.69 -3.56
C GLN B 15 -7.87 0.70 -4.39
N VAL B 16 -7.12 -0.32 -4.79
CA VAL B 16 -7.52 -1.45 -5.60
C VAL B 16 -7.29 -2.78 -4.85
N MET B 17 -8.18 -3.71 -5.13
CA MET B 17 -8.11 -5.08 -4.60
C MET B 17 -7.50 -6.02 -5.65
N LEU B 18 -6.45 -6.74 -5.29
CA LEU B 18 -5.81 -7.75 -6.12
C LEU B 18 -6.52 -9.08 -5.83
N PHE B 19 -7.68 -9.18 -6.40
CA PHE B 19 -8.62 -10.32 -6.28
C PHE B 19 -8.47 -11.33 -7.44
N ARG B 20 -7.95 -12.52 -7.12
CA ARG B 20 -7.79 -13.61 -8.09
C ARG B 20 -9.23 -14.13 -8.37
N LYS B 21 -9.45 -14.55 -9.60
CA LYS B 21 -10.71 -15.04 -10.09
C LYS B 21 -11.39 -16.20 -9.38
N SER B 22 -10.69 -17.30 -9.15
CA SER B 22 -11.12 -18.55 -8.49
C SER B 22 -9.88 -19.41 -8.26
N PRO B 23 -9.52 -19.84 -7.07
CA PRO B 23 -10.24 -19.61 -5.83
C PRO B 23 -10.65 -18.14 -5.73
N GLN B 24 -11.89 -17.92 -6.15
CA GLN B 24 -12.41 -16.51 -6.16
C GLN B 24 -11.94 -15.89 -4.86
N GLU B 25 -10.92 -15.05 -4.92
CA GLU B 25 -10.42 -14.40 -3.67
C GLU B 25 -9.49 -13.21 -3.90
N LEU B 26 -9.01 -12.65 -2.79
CA LEU B 26 -8.16 -11.48 -2.61
C LEU B 26 -6.77 -11.74 -2.08
N LEU B 27 -5.73 -11.53 -2.83
CA LEU B 27 -4.35 -11.75 -2.32
C LEU B 27 -3.77 -10.45 -1.80
N CYS B 28 -4.15 -9.32 -2.40
CA CYS B 28 -3.69 -8.00 -2.00
C CYS B 28 -4.52 -6.83 -2.55
N GLY B 29 -3.82 -5.69 -2.49
CA GLY B 29 -4.30 -4.39 -2.95
C GLY B 29 -3.17 -3.62 -3.64
N ALA B 30 -3.55 -2.66 -4.45
CA ALA B 30 -2.57 -1.84 -5.18
C ALA B 30 -3.09 -0.42 -5.33
N SER B 31 -2.47 0.37 -6.22
CA SER B 31 -2.94 1.77 -6.38
C SER B 31 -2.92 2.21 -7.86
N LEU B 32 -3.96 3.08 -8.12
CA LEU B 32 -4.27 3.69 -9.44
C LEU B 32 -3.33 4.85 -9.75
N ILE B 33 -2.33 4.56 -10.59
CA ILE B 33 -1.34 5.56 -10.98
C ILE B 33 -1.35 5.91 -12.50
N SER B 34 -2.50 5.68 -13.10
CA SER B 34 -2.82 6.07 -14.49
C SER B 34 -4.25 5.66 -14.82
N ASP B 35 -4.60 5.96 -16.04
CA ASP B 35 -5.90 5.67 -16.64
C ASP B 35 -6.06 4.18 -16.68
N ARG B 36 -4.92 3.57 -16.83
CA ARG B 36 -4.83 2.16 -16.98
C ARG B 36 -3.56 1.57 -16.46
N TRP B 37 -3.05 1.95 -15.29
CA TRP B 37 -1.76 1.32 -14.81
C TRP B 37 -1.92 1.23 -13.28
N VAL B 38 -1.51 0.06 -12.78
CA VAL B 38 -1.62 -0.26 -11.35
C VAL B 38 -0.33 -0.91 -10.88
N LEU B 39 0.16 -0.49 -9.71
CA LEU B 39 1.48 -1.00 -9.22
C LEU B 39 1.32 -1.67 -7.87
N THR B 40 2.23 -2.60 -7.57
CA THR B 40 2.15 -3.32 -6.29
C THR B 40 3.42 -4.02 -5.87
N ALA B 41 3.32 -4.81 -4.80
CA ALA B 41 4.43 -5.59 -4.20
C ALA B 41 4.78 -6.67 -5.20
N ALA B 42 5.98 -7.20 -5.19
CA ALA B 42 6.22 -8.28 -6.25
C ALA B 42 5.77 -9.63 -5.68
N HIS B 43 6.05 -9.73 -4.39
CA HIS B 43 5.70 -10.87 -3.55
C HIS B 43 4.21 -11.09 -3.84
N CYS B 44 3.54 -10.00 -4.11
CA CYS B 44 2.11 -10.13 -4.36
C CYS B 44 1.75 -10.80 -5.65
N LEU B 45 2.77 -11.00 -6.49
CA LEU B 45 2.57 -11.67 -7.76
C LEU B 45 3.51 -12.84 -8.04
N LEU B 46 4.70 -12.89 -7.50
CA LEU B 46 5.60 -13.99 -7.89
C LEU B 46 6.43 -14.51 -6.73
N TYR B 47 5.82 -15.42 -5.98
CA TYR B 47 6.59 -15.99 -4.85
C TYR B 47 6.72 -17.51 -4.96
N PRO B 48 7.93 -17.91 -5.40
CA PRO B 48 8.36 -19.28 -5.57
C PRO B 48 8.29 -20.20 -4.34
N PRO B 49 9.14 -19.93 -3.35
CA PRO B 49 9.16 -20.73 -2.13
C PRO B 49 7.79 -21.08 -1.54
N TRP B 50 6.71 -20.54 -2.09
CA TRP B 50 5.31 -20.76 -1.75
C TRP B 50 4.49 -20.91 -3.06
N ASP B 51 5.26 -21.16 -4.08
CA ASP B 51 4.84 -21.26 -5.47
C ASP B 51 3.61 -20.43 -5.79
N LYS B 52 3.86 -19.17 -5.50
CA LYS B 52 3.00 -18.06 -5.87
C LYS B 52 3.66 -17.59 -7.13
N ASN B 53 2.71 -17.50 -8.07
CA ASN B 53 3.05 -17.18 -9.40
C ASN B 53 1.82 -17.04 -10.29
N PHE B 54 1.51 -15.81 -10.65
CA PHE B 54 0.33 -15.54 -11.49
C PHE B 54 0.69 -14.82 -12.75
N THR B 55 -0.35 -14.76 -13.55
CA THR B 55 -0.36 -14.16 -14.87
C THR B 55 -1.69 -13.41 -15.05
N GLU B 56 -1.68 -12.49 -16.00
CA GLU B 56 -2.85 -11.62 -16.23
C GLU B 56 -4.18 -12.29 -15.96
N ASN B 57 -4.31 -13.39 -16.67
CA ASN B 57 -5.48 -14.28 -16.74
C ASN B 57 -5.82 -14.73 -15.32
N ASP B 58 -4.75 -15.16 -14.67
CA ASP B 58 -4.88 -15.61 -13.28
C ASP B 58 -5.79 -14.58 -12.57
N LEU B 59 -5.40 -13.31 -12.49
CA LEU B 59 -6.14 -12.26 -11.78
C LEU B 59 -7.02 -11.33 -12.58
N LEU B 60 -7.77 -10.69 -11.71
CA LEU B 60 -8.81 -9.67 -12.04
C LEU B 60 -8.74 -8.60 -10.94
N VAL B 61 -8.86 -7.35 -11.33
CA VAL B 61 -8.74 -6.18 -10.47
C VAL B 61 -9.97 -5.31 -10.26
N ARG B 62 -10.14 -4.91 -9.01
CA ARG B 62 -11.32 -4.12 -8.60
C ARG B 62 -10.95 -2.91 -7.75
N ILE B 63 -11.69 -1.86 -8.02
CA ILE B 63 -11.81 -0.47 -7.72
C ILE B 63 -13.21 0.07 -7.38
N GLY B 64 -13.23 1.19 -6.66
CA GLY B 64 -14.48 1.87 -6.26
C GLY B 64 -14.92 1.37 -4.86
N LYS B 65 -14.09 0.46 -4.46
CA LYS B 65 -14.12 -0.38 -3.27
C LYS B 65 -14.08 0.14 -1.84
N HIS B 66 -15.19 0.06 -1.15
CA HIS B 66 -15.31 0.41 0.29
C HIS B 66 -15.45 -0.89 1.08
N SER B 67 -16.61 -1.52 1.06
CA SER B 67 -16.90 -2.79 1.73
C SER B 67 -16.17 -3.95 1.00
N ARG B 68 -15.36 -4.61 1.81
CA ARG B 68 -14.49 -5.74 1.43
C ARG B 68 -15.24 -7.05 1.16
N THR B 69 -16.54 -7.02 1.38
CA THR B 69 -17.40 -8.23 1.27
C THR B 69 -18.08 -8.39 -0.10
N ARG B 70 -19.04 -7.51 -0.24
CA ARG B 70 -19.99 -7.39 -1.36
C ARG B 70 -19.46 -7.04 -2.71
N TYR B 71 -20.52 -6.64 -3.42
CA TYR B 71 -20.48 -6.17 -4.77
C TYR B 71 -21.00 -4.74 -4.83
N GLU B 72 -19.97 -3.81 -4.79
CA GLU B 72 -20.19 -2.35 -4.91
C GLU B 72 -20.75 -2.14 -6.32
N ARG B 73 -22.07 -2.40 -6.38
CA ARG B 73 -22.84 -2.34 -7.62
C ARG B 73 -22.49 -1.12 -8.47
N ASN B 74 -22.67 0.15 -8.15
CA ASN B 74 -22.28 1.11 -9.23
C ASN B 74 -21.40 2.28 -8.79
N ILE B 75 -20.34 1.89 -8.08
CA ILE B 75 -19.32 2.78 -7.55
C ILE B 75 -17.97 2.10 -7.69
N GLU B 76 -18.03 0.79 -7.76
CA GLU B 76 -16.89 -0.09 -7.93
C GLU B 76 -16.45 -0.28 -9.36
N LYS B 77 -15.26 -0.79 -9.55
CA LYS B 77 -14.64 -1.08 -10.86
C LYS B 77 -13.96 -2.44 -10.91
N ILE B 78 -13.58 -2.85 -12.11
CA ILE B 78 -12.93 -4.15 -12.35
C ILE B 78 -12.62 -4.32 -13.84
N SER B 79 -11.41 -4.76 -14.03
CA SER B 79 -10.82 -5.01 -15.36
C SER B 79 -9.67 -5.97 -15.02
N MET B 80 -9.20 -6.69 -15.98
CA MET B 80 -8.10 -7.63 -15.78
C MET B 80 -6.90 -7.03 -16.52
N LEU B 81 -5.77 -7.39 -15.93
CA LEU B 81 -4.48 -6.99 -16.51
C LEU B 81 -4.41 -7.46 -17.96
N GLU B 82 -3.62 -6.73 -18.74
CA GLU B 82 -3.25 -6.92 -20.13
C GLU B 82 -1.83 -7.51 -20.11
N LYS B 83 -1.15 -7.16 -19.04
CA LYS B 83 0.20 -7.63 -18.74
C LYS B 83 0.66 -7.06 -17.39
N ILE B 84 1.19 -7.97 -16.65
CA ILE B 84 1.77 -7.81 -15.32
C ILE B 84 3.21 -7.43 -15.72
N TYR B 85 3.96 -6.73 -14.91
CA TYR B 85 5.34 -6.31 -15.03
C TYR B 85 5.97 -6.21 -13.62
N ILE B 86 6.95 -7.05 -13.44
CA ILE B 86 7.79 -7.11 -12.23
C ILE B 86 9.12 -6.41 -12.54
N HIS B 87 9.96 -6.34 -11.53
CA HIS B 87 11.26 -5.63 -11.59
C HIS B 87 12.45 -6.61 -11.61
N PRO B 88 13.10 -6.74 -12.77
CA PRO B 88 14.18 -7.71 -12.98
C PRO B 88 15.35 -7.76 -12.00
N ARG B 89 15.29 -7.13 -10.82
CA ARG B 89 16.41 -7.31 -9.83
C ARG B 89 15.86 -7.56 -8.38
N TYR B 90 14.64 -8.20 -8.37
CA TYR B 90 13.79 -8.57 -7.14
C TYR B 90 14.31 -9.75 -6.33
N ASN B 91 14.35 -9.47 -5.03
CA ASN B 91 14.87 -10.50 -4.12
C ASN B 91 13.91 -11.39 -3.38
N TRP B 92 12.99 -12.10 -4.03
CA TRP B 92 12.11 -13.00 -3.23
C TRP B 92 12.96 -14.02 -2.43
N ARG B 93 14.16 -14.20 -2.93
CA ARG B 93 15.21 -15.06 -2.43
C ARG B 93 15.88 -14.61 -1.13
N GLU B 94 16.29 -13.35 -1.10
CA GLU B 94 17.00 -12.77 0.04
C GLU B 94 16.22 -11.96 1.08
N ASN B 95 15.58 -10.89 0.70
CA ASN B 95 14.86 -10.10 1.72
C ASN B 95 13.64 -9.47 1.11
N LEU B 96 13.44 -9.89 -0.12
CA LEU B 96 12.31 -9.42 -0.90
C LEU B 96 12.54 -7.94 -1.22
N ASP B 97 13.53 -7.67 -2.08
CA ASP B 97 13.82 -6.26 -2.42
C ASP B 97 13.35 -5.98 -3.84
N ARG B 98 13.33 -4.68 -4.07
CA ARG B 98 12.68 -4.12 -5.23
C ARG B 98 11.32 -4.81 -5.27
N ASP B 99 10.76 -4.98 -4.07
CA ASP B 99 9.43 -5.57 -3.99
C ASP B 99 8.51 -4.55 -4.69
N ILE B 100 8.49 -4.66 -5.99
CA ILE B 100 7.67 -3.83 -6.88
C ILE B 100 7.30 -4.62 -8.15
N ALA B 101 6.06 -4.34 -8.59
CA ALA B 101 5.43 -4.98 -9.75
C ALA B 101 4.39 -4.01 -10.29
N LEU B 102 4.15 -4.04 -11.57
CA LEU B 102 3.14 -3.09 -12.13
C LEU B 102 2.31 -3.86 -13.15
N MET B 103 1.12 -3.35 -13.46
CA MET B 103 0.25 -4.02 -14.39
C MET B 103 -0.53 -3.11 -15.32
N LYS B 104 -0.22 -3.33 -16.56
CA LYS B 104 -0.79 -2.58 -17.65
C LYS B 104 -2.27 -2.97 -17.85
N LEU B 105 -3.14 -2.36 -17.04
CA LEU B 105 -4.59 -2.62 -17.13
C LEU B 105 -4.98 -2.95 -18.60
N LYS B 106 -5.24 -4.24 -18.83
CA LYS B 106 -5.63 -4.78 -20.16
C LYS B 106 -6.38 -3.72 -20.95
N LYS B 107 -7.16 -2.98 -20.21
CA LYS B 107 -7.99 -1.92 -20.76
C LYS B 107 -7.97 -0.78 -19.78
N PRO B 108 -8.46 0.39 -20.15
CA PRO B 108 -8.42 1.54 -19.28
C PRO B 108 -9.68 1.90 -18.50
N VAL B 109 -9.49 2.25 -17.24
CA VAL B 109 -10.55 2.70 -16.32
C VAL B 109 -10.83 4.21 -16.39
N ALA B 110 -12.12 4.55 -16.23
CA ALA B 110 -12.40 6.01 -16.23
C ALA B 110 -12.87 6.33 -14.80
N PHE B 111 -12.13 7.20 -14.16
CA PHE B 111 -12.21 7.75 -12.82
C PHE B 111 -13.57 8.34 -12.42
N SER B 112 -13.70 8.51 -11.10
CA SER B 112 -14.88 9.14 -10.46
C SER B 112 -14.75 9.20 -8.93
N ASP B 113 -15.67 9.98 -8.37
CA ASP B 113 -15.74 10.28 -6.93
C ASP B 113 -15.19 9.18 -6.08
N TYR B 114 -15.30 8.00 -6.65
CA TYR B 114 -14.94 6.76 -5.97
C TYR B 114 -13.57 6.12 -6.50
N ILE B 115 -13.14 6.42 -7.79
CA ILE B 115 -11.80 5.91 -8.39
C ILE B 115 -11.09 7.15 -8.94
N HIS B 116 -9.88 7.40 -8.43
CA HIS B 116 -9.05 8.60 -8.81
C HIS B 116 -7.58 8.28 -8.47
N PRO B 117 -6.67 8.69 -9.34
CA PRO B 117 -5.25 8.41 -9.21
C PRO B 117 -4.46 9.09 -8.10
N VAL B 118 -3.30 8.49 -7.89
CA VAL B 118 -2.29 8.89 -6.92
C VAL B 118 -1.11 9.37 -7.78
N CYS B 119 -0.34 10.31 -7.17
CA CYS B 119 0.84 10.76 -7.93
C CYS B 119 2.07 10.29 -7.13
N LEU B 120 3.01 10.04 -8.00
CA LEU B 120 4.36 9.61 -7.60
C LEU B 120 5.28 10.75 -7.28
N PRO B 121 6.15 10.57 -6.29
CA PRO B 121 7.15 11.59 -5.90
C PRO B 121 8.17 11.98 -6.94
N ASP B 122 8.86 13.02 -6.55
CA ASP B 122 9.95 13.86 -7.11
C ASP B 122 10.94 14.05 -5.95
N ARG B 123 12.22 13.93 -6.22
CA ARG B 123 13.16 14.06 -5.09
C ARG B 123 12.69 15.13 -4.11
N GLU B 124 12.21 16.23 -4.66
CA GLU B 124 11.71 17.39 -3.90
C GLU B 124 10.72 16.88 -2.87
N THR B 125 9.67 16.26 -3.40
CA THR B 125 8.62 15.69 -2.56
C THR B 125 9.16 14.41 -1.96
N ALA B 126 9.81 13.61 -2.78
CA ALA B 126 10.41 12.39 -2.25
C ALA B 126 11.27 12.73 -1.01
N ALA B 127 11.69 14.01 -0.91
CA ALA B 127 12.65 14.48 0.14
C ALA B 127 12.17 15.48 1.22
N SER B 128 11.10 16.20 1.02
CA SER B 128 10.67 17.10 2.08
C SER B 128 10.03 16.22 3.16
N LEU B 129 9.28 15.26 2.62
CA LEU B 129 8.43 14.31 3.35
C LEU B 129 9.04 12.98 3.90
N LEU B 130 9.81 12.21 3.11
CA LEU B 130 10.35 10.88 3.61
C LEU B 130 11.37 11.09 4.74
N GLN B 131 10.84 11.38 5.94
CA GLN B 131 11.69 11.73 7.12
C GLN B 131 11.25 11.14 8.46
N ALA B 132 12.18 10.77 9.34
CA ALA B 132 11.93 10.29 10.70
C ALA B 132 10.76 11.08 11.27
N GLY B 133 9.88 10.43 11.96
CA GLY B 133 8.66 10.97 12.55
C GLY B 133 7.62 11.51 11.59
N TYR B 134 7.89 11.67 10.29
CA TYR B 134 6.77 12.35 9.55
C TYR B 134 5.82 11.24 9.17
N LYS B 135 4.64 11.23 9.78
CA LYS B 135 3.68 10.15 9.46
C LYS B 135 3.24 10.11 7.98
N GLY B 136 2.83 8.85 7.68
CA GLY B 136 2.28 8.36 6.42
C GLY B 136 1.05 7.50 6.74
N ARG B 137 0.14 7.43 5.75
CA ARG B 137 -1.06 6.55 6.03
C ARG B 137 -1.11 5.38 5.05
N VAL B 138 -1.28 4.22 5.69
CA VAL B 138 -1.41 2.88 5.07
C VAL B 138 -2.85 2.37 5.10
N THR B 139 -3.38 1.96 3.98
CA THR B 139 -4.74 1.41 3.94
C THR B 139 -4.82 -0.03 3.47
N GLY B 140 -6.06 -0.52 3.55
CA GLY B 140 -6.44 -1.88 3.18
C GLY B 140 -7.56 -2.52 3.96
N TRP B 141 -7.75 -3.82 3.69
CA TRP B 141 -8.78 -4.74 4.22
C TRP B 141 -8.18 -5.96 4.90
N GLY B 142 -6.88 -6.02 5.00
CA GLY B 142 -6.00 -6.99 5.63
C GLY B 142 -6.52 -7.43 7.00
N ASN B 143 -5.76 -8.26 7.67
CA ASN B 143 -6.09 -8.95 8.91
C ASN B 143 -6.07 -8.19 10.21
N LEU B 144 -7.19 -7.77 10.78
CA LEU B 144 -7.25 -7.05 12.03
C LEU B 144 -6.35 -7.46 13.18
N LYS B 145 -5.66 -8.56 13.21
CA LYS B 145 -4.80 -9.06 14.27
C LYS B 145 -3.76 -10.01 13.68
N GLU B 146 -2.66 -10.27 14.42
CA GLU B 146 -1.63 -11.15 13.84
C GLU B 146 -2.26 -12.39 13.24
N THR B 147 -1.67 -12.78 12.10
CA THR B 147 -2.10 -13.97 11.34
C THR B 147 -2.78 -14.91 12.30
N TRP B 148 -4.10 -14.88 12.11
CA TRP B 148 -5.12 -15.58 12.90
C TRP B 148 -6.42 -15.60 12.02
N THR B 149 -7.63 -15.69 12.63
CA THR B 149 -8.94 -15.62 11.82
C THR B 149 -10.25 -15.78 12.74
N ALA B 150 -11.38 -14.90 12.37
CA ALA B 150 -12.78 -14.76 13.11
C ALA B 150 -14.04 -15.27 12.24
N VAL B 152 -16.96 -12.28 10.55
CA VAL B 152 -16.91 -11.02 9.84
C VAL B 152 -16.26 -10.10 10.86
N GLY B 153 -15.49 -10.80 11.73
CA GLY B 153 -14.80 -10.18 12.86
C GLY B 153 -13.44 -10.85 13.22
N LYS B 154 -12.58 -9.91 13.64
CA LYS B 154 -11.18 -10.10 14.10
C LYS B 154 -10.32 -10.82 13.09
N GLY B 155 -10.81 -10.90 11.89
CA GLY B 155 -10.12 -11.73 10.88
C GLY B 155 -9.75 -10.93 9.73
N GLN B 156 -10.78 -10.29 9.38
CA GLN B 156 -10.81 -9.37 8.36
C GLN B 156 -12.00 -8.45 8.59
N PRO B 157 -11.89 -7.25 8.04
CA PRO B 157 -12.86 -6.18 8.20
C PRO B 157 -13.97 -6.31 7.15
N SER B 158 -14.99 -5.57 7.48
CA SER B 158 -16.21 -5.40 6.69
C SER B 158 -15.84 -4.46 5.55
N VAL B 159 -15.20 -3.40 6.00
CA VAL B 159 -14.65 -2.25 5.27
C VAL B 159 -13.16 -1.93 5.51
N LEU B 160 -12.69 -1.07 4.62
CA LEU B 160 -11.36 -0.54 4.35
C LEU B 160 -10.67 0.14 5.51
N GLN B 161 -9.50 -0.33 5.84
CA GLN B 161 -8.77 0.14 7.02
C GLN B 161 -7.60 1.06 6.75
N VAL B 162 -7.62 2.15 7.50
CA VAL B 162 -6.76 3.31 7.55
C VAL B 162 -5.96 3.40 8.84
N VAL B 163 -4.69 3.58 8.72
CA VAL B 163 -3.73 3.75 9.82
C VAL B 163 -2.71 4.80 9.34
N ASN B 164 -2.15 5.59 10.28
CA ASN B 164 -1.12 6.60 9.82
C ASN B 164 0.00 6.34 10.87
N LEU B 165 1.16 6.22 10.25
CA LEU B 165 2.39 5.89 10.98
C LEU B 165 3.59 6.74 10.60
N PRO B 166 4.47 6.96 11.59
CA PRO B 166 5.66 7.78 11.48
C PRO B 166 6.82 7.11 10.78
N ILE B 167 7.83 7.74 10.22
CA ILE B 167 8.96 6.97 9.64
C ILE B 167 9.95 6.73 10.77
N VAL B 168 10.69 5.65 10.57
CA VAL B 168 11.67 5.18 11.57
C VAL B 168 13.12 5.51 11.23
N GLU B 169 13.77 6.11 12.24
CA GLU B 169 15.19 6.48 12.11
C GLU B 169 15.90 5.22 11.63
N ARG B 170 16.32 5.31 10.36
CA ARG B 170 17.00 4.22 9.61
C ARG B 170 17.85 3.33 10.51
N PRO B 171 18.61 3.88 11.47
CA PRO B 171 19.41 3.05 12.35
C PRO B 171 18.51 2.02 13.02
N VAL B 172 17.60 2.54 13.85
CA VAL B 172 16.60 1.78 14.63
C VAL B 172 15.90 0.70 13.82
N CYS B 173 15.75 0.99 12.53
CA CYS B 173 15.07 0.09 11.58
C CYS B 173 15.89 -1.22 11.46
N LYS B 174 17.19 -1.04 11.25
CA LYS B 174 18.12 -2.19 11.14
C LYS B 174 18.18 -2.97 12.46
N ASP B 175 17.51 -2.45 13.48
CA ASP B 175 17.61 -3.19 14.76
C ASP B 175 16.26 -3.60 15.32
N SER B 176 15.35 -3.80 14.39
CA SER B 176 14.04 -4.38 14.69
C SER B 176 14.07 -5.79 14.12
N THR B 177 14.63 -5.85 12.92
CA THR B 177 14.82 -7.09 12.17
C THR B 177 16.20 -7.69 12.45
N ARG B 178 16.51 -8.55 11.53
CA ARG B 178 17.78 -9.25 11.41
C ARG B 178 17.98 -9.55 9.91
N ILE B 179 17.02 -9.02 9.12
CA ILE B 179 17.07 -9.14 7.65
C ILE B 179 17.85 -7.92 7.09
N ARG B 180 18.73 -8.32 6.18
CA ARG B 180 19.60 -7.40 5.45
C ARG B 180 18.64 -6.49 4.69
N ILE B 181 18.49 -5.33 5.34
CA ILE B 181 17.66 -4.23 4.83
C ILE B 181 18.49 -3.19 4.05
N THR B 182 18.06 -2.98 2.81
CA THR B 182 18.62 -2.10 1.82
C THR B 182 17.96 -0.72 1.74
N ASP B 183 18.84 0.22 1.40
CA ASP B 183 18.55 1.66 1.23
C ASP B 183 17.38 1.89 0.26
N ASN B 184 16.69 0.81 -0.07
CA ASN B 184 15.57 0.83 -1.04
C ASN B 184 14.25 0.55 -0.35
N MET B 185 14.31 0.15 0.91
CA MET B 185 13.10 -0.22 1.66
C MET B 185 12.91 0.74 2.81
N PHE B 186 11.76 1.12 3.28
CA PHE B 186 11.76 2.07 4.45
C PHE B 186 10.86 1.48 5.55
N CYS B 187 11.07 1.90 6.81
CA CYS B 187 10.14 1.31 7.83
C CYS B 187 9.20 2.36 8.45
N ALA B 188 7.96 1.92 8.66
CA ALA B 188 6.93 2.75 9.29
C ALA B 188 6.66 2.19 10.71
N GLY B 189 5.84 2.93 11.45
CA GLY B 189 5.32 2.50 12.76
C GLY B 189 5.91 2.97 14.06
N TYR B 190 5.00 3.30 14.99
CA TYR B 190 5.39 3.78 16.32
C TYR B 190 6.25 2.74 17.09
N LYS B 191 6.96 3.29 18.05
CA LYS B 191 7.88 2.69 18.98
C LYS B 191 7.18 2.01 20.17
N PRO B 192 7.95 1.09 20.75
CA PRO B 192 7.48 0.32 21.88
C PRO B 192 6.92 1.25 22.95
N ASP B 193 7.81 2.22 23.14
CA ASP B 193 7.63 3.26 24.18
C ASP B 193 6.59 4.30 23.82
N GLU B 194 6.45 4.56 22.54
CA GLU B 194 5.53 5.55 21.99
C GLU B 194 4.14 5.55 22.60
N GLY B 195 3.83 4.43 23.19
CA GLY B 195 2.55 4.22 23.84
C GLY B 195 1.34 4.29 22.93
N LYS B 196 1.48 3.96 21.67
CA LYS B 196 0.28 3.96 20.79
C LYS B 196 0.61 2.89 19.73
N ARG B 197 -0.41 2.18 19.25
CA ARG B 197 -0.12 1.11 18.28
C ARG B 197 -1.07 1.13 17.09
N GLY B 198 -0.56 0.44 16.08
CA GLY B 198 -1.20 0.25 14.76
C GLY B 198 -0.14 -0.31 13.80
N ASP B 199 -0.60 -0.95 12.74
CA ASP B 199 0.33 -1.56 11.77
C ASP B 199 -0.46 -2.15 10.59
N ALA B 200 0.25 -2.76 9.68
CA ALA B 200 -0.38 -3.37 8.49
C ALA B 200 -0.19 -4.86 8.54
N CYS B 201 -1.22 -5.55 8.16
CA CYS B 201 -1.19 -6.99 8.24
C CYS B 201 -1.60 -7.69 6.94
N GLU B 202 -1.85 -8.97 7.12
CA GLU B 202 -2.16 -9.94 6.05
C GLU B 202 -3.19 -9.45 5.03
N GLY B 203 -2.70 -9.46 3.77
CA GLY B 203 -3.49 -9.05 2.60
C GLY B 203 -3.64 -7.53 2.56
N ASP B 204 -2.73 -6.90 3.29
CA ASP B 204 -2.55 -5.43 3.35
C ASP B 204 -1.48 -5.12 2.27
N SER B 205 -0.64 -6.11 2.11
CA SER B 205 0.48 -6.14 1.20
C SER B 205 0.07 -5.56 -0.15
N GLY B 206 1.03 -4.97 -0.87
CA GLY B 206 0.80 -4.36 -2.19
C GLY B 206 0.13 -2.99 -2.06
N GLY B 207 -0.61 -2.90 -0.95
CA GLY B 207 -1.38 -1.77 -0.42
C GLY B 207 -0.43 -0.56 -0.28
N PRO B 208 -0.98 0.63 -0.52
CA PRO B 208 -0.19 1.85 -0.54
C PRO B 208 0.23 2.53 0.74
N PHE B 209 1.31 3.28 0.55
CA PHE B 209 1.93 4.19 1.55
C PHE B 209 2.04 5.62 0.94
N VAL B 210 0.86 6.21 0.80
CA VAL B 210 0.64 7.55 0.35
C VAL B 210 0.48 8.42 1.63
N MET B 211 1.24 9.48 1.54
CA MET B 211 1.50 10.64 2.41
C MET B 211 0.94 11.93 1.78
N LYS B 212 0.83 13.01 2.53
CA LYS B 212 0.33 14.25 1.86
C LYS B 212 1.30 15.42 2.19
N SER B 213 1.74 15.95 1.06
CA SER B 213 2.61 17.06 0.76
C SER B 213 1.76 18.32 1.08
N PRO B 214 2.33 19.11 2.01
CA PRO B 214 1.70 20.32 2.52
C PRO B 214 1.88 21.46 1.52
N PHE B 215 2.77 21.33 0.58
CA PHE B 215 3.05 22.22 -0.52
C PHE B 215 1.88 22.32 -1.49
N ASN B 216 1.49 21.23 -2.12
CA ASN B 216 0.38 21.27 -3.09
C ASN B 216 -0.90 20.55 -2.69
N ASN B 217 -1.07 20.04 -1.49
CA ASN B 217 -2.23 19.38 -0.89
C ASN B 217 -2.66 18.07 -1.57
N ARG B 218 -1.71 17.55 -2.34
CA ARG B 218 -1.73 16.30 -3.09
C ARG B 218 -1.37 15.11 -2.19
N TRP B 219 -1.61 13.96 -2.82
CA TRP B 219 -1.28 12.66 -2.15
C TRP B 219 -0.25 11.93 -3.01
N TYR B 220 0.82 11.68 -2.28
CA TYR B 220 2.04 11.10 -2.87
C TYR B 220 2.30 9.71 -2.30
N GLN B 221 2.32 8.79 -3.29
CA GLN B 221 2.54 7.38 -2.90
C GLN B 221 4.03 7.20 -2.62
N MET B 222 4.31 7.46 -1.36
CA MET B 222 5.67 7.38 -0.84
C MET B 222 6.09 5.91 -0.72
N GLY B 223 5.18 5.01 -0.36
CA GLY B 223 5.49 3.59 -0.16
C GLY B 223 4.54 2.61 -0.81
N ILE B 224 4.89 1.34 -0.68
CA ILE B 224 4.30 0.08 -1.16
C ILE B 224 4.60 -1.02 -0.11
N VAL B 225 3.56 -1.55 0.49
CA VAL B 225 3.63 -2.60 1.53
C VAL B 225 4.36 -3.86 1.03
N SER B 226 5.33 -4.28 1.84
CA SER B 226 6.14 -5.45 1.49
C SER B 226 6.25 -6.55 2.53
N TRP B 227 6.63 -6.16 3.73
CA TRP B 227 6.85 -7.18 4.79
C TRP B 227 6.75 -6.69 6.23
N GLY B 228 6.95 -7.67 7.10
CA GLY B 228 6.90 -7.55 8.56
C GLY B 228 7.22 -8.94 9.11
N GLU B 229 7.44 -8.94 10.41
CA GLU B 229 7.71 -10.22 11.09
C GLU B 229 6.51 -10.41 12.00
N GLY B 230 5.32 -10.36 11.41
CA GLY B 230 4.12 -10.48 12.28
C GLY B 230 3.07 -9.40 12.01
N CYS B 231 2.61 -8.79 13.17
CA CYS B 231 1.58 -7.65 13.23
C CYS B 231 1.58 -6.99 14.51
N ASP B 232 2.11 -5.78 14.59
CA ASP B 232 1.99 -4.93 15.77
C ASP B 232 2.75 -5.38 17.02
N ARG B 233 3.95 -5.87 16.76
CA ARG B 233 4.91 -6.26 17.77
C ARG B 233 5.51 -5.10 18.58
N ASP B 234 5.43 -5.05 19.91
CA ASP B 234 6.16 -3.91 20.53
C ASP B 234 7.59 -4.25 20.15
N GLY B 235 8.24 -3.59 19.22
CA GLY B 235 9.64 -3.93 18.86
C GLY B 235 10.03 -3.94 17.40
N LYS B 236 8.99 -3.86 16.58
CA LYS B 236 9.23 -3.83 15.14
C LYS B 236 8.24 -2.89 14.40
N TYR B 237 8.81 -2.66 13.22
CA TYR B 237 8.26 -1.76 12.23
C TYR B 237 8.09 -2.41 10.89
N GLY B 238 6.97 -2.12 10.24
CA GLY B 238 6.76 -2.63 8.86
C GLY B 238 7.96 -2.10 8.03
N PHE B 239 8.02 -2.59 6.83
CA PHE B 239 9.07 -2.29 5.84
C PHE B 239 8.33 -2.08 4.52
N TYR B 240 8.51 -0.90 3.94
CA TYR B 240 7.85 -0.57 2.67
C TYR B 240 8.86 -0.29 1.56
N THR B 241 8.33 -0.30 0.32
CA THR B 241 9.27 -0.07 -0.79
C THR B 241 9.48 1.42 -1.09
N HIS B 242 10.71 1.78 -1.44
CA HIS B 242 11.07 3.12 -1.83
C HIS B 242 10.44 3.41 -3.19
N VAL B 243 9.19 3.76 -3.28
CA VAL B 243 8.58 4.02 -4.57
C VAL B 243 9.39 4.97 -5.44
N PHE B 244 10.15 5.87 -4.84
CA PHE B 244 10.93 6.87 -5.61
C PHE B 244 12.28 6.31 -6.03
N ARG B 245 12.99 5.69 -5.10
CA ARG B 245 14.26 5.05 -5.48
C ARG B 245 14.00 4.33 -6.82
N LEU B 246 13.04 3.41 -6.84
CA LEU B 246 12.70 2.66 -8.06
C LEU B 246 11.76 3.39 -9.01
N LYS B 247 11.67 4.71 -8.89
CA LYS B 247 10.71 5.51 -9.74
C LYS B 247 11.22 5.58 -11.17
N LYS B 248 12.50 5.27 -11.19
CA LYS B 248 13.35 5.16 -12.37
C LYS B 248 12.72 4.18 -13.35
N TRP B 249 12.76 2.93 -12.89
CA TRP B 249 12.22 1.76 -13.57
C TRP B 249 10.78 2.02 -13.98
N ILE B 250 10.01 2.25 -12.94
CA ILE B 250 8.58 2.56 -13.02
C ILE B 250 8.17 3.26 -14.30
N GLN B 251 9.07 4.13 -14.70
CA GLN B 251 8.91 5.04 -15.84
C GLN B 251 9.03 4.30 -17.19
N LYS B 252 10.19 3.63 -17.31
CA LYS B 252 10.66 2.83 -18.50
C LYS B 252 9.62 1.89 -19.08
N VAL B 253 8.95 1.16 -18.20
CA VAL B 253 7.96 0.13 -18.63
C VAL B 253 6.65 0.76 -19.08
N ILE B 254 6.42 1.96 -18.57
CA ILE B 254 5.23 2.73 -18.91
C ILE B 254 5.35 3.34 -20.31
N ASP B 255 6.59 3.82 -20.46
CA ASP B 255 7.03 4.51 -21.69
C ASP B 255 7.54 3.45 -22.69
N GLN B 256 7.31 2.19 -22.39
CA GLN B 256 7.84 1.24 -23.40
C GLN B 256 6.82 0.21 -23.84
N PHE B 257 5.74 0.25 -23.05
CA PHE B 257 4.61 -0.65 -23.26
C PHE B 257 3.24 -0.05 -22.97
N GLY B 258 3.06 1.25 -23.09
CA GLY B 258 1.73 1.86 -22.79
C GLY B 258 1.71 3.36 -23.12
N LEU C 1 8.67 -11.68 2.05
CA LEU C 1 8.07 -12.74 2.89
C LEU C 1 6.69 -12.28 3.36
N ASP C 2 6.33 -11.14 2.76
CA ASP C 2 5.00 -10.56 3.12
C ASP C 2 5.01 -10.41 4.65
N PRO C 3 4.03 -9.66 5.13
CA PRO C 3 3.84 -9.40 6.56
C PRO C 3 3.54 -10.70 7.33
N HMR C 4 2.48 -11.39 6.97
CB HMR C 4 1.90 -12.59 7.54
CC HMR C 4 1.98 -13.69 6.44
C HMR C 4 3.48 -14.29 8.68
O HMR C 4 2.94 -15.42 8.40
CA HMR C 4 2.49 -13.13 8.81
N SER C 5 4.78 -14.05 8.81
CA SER C 5 5.80 -15.12 8.72
C SER C 5 6.71 -15.20 9.94
N LYS C 14 8.65 -18.53 5.12
CA LYS C 14 9.48 -18.98 6.23
C LYS C 14 9.06 -20.43 6.28
N TYR C 15 7.75 -20.33 6.39
CA TYR C 15 6.68 -21.31 6.41
C TYR C 15 5.54 -20.59 5.65
N GLU C 16 4.56 -21.30 5.17
CA GLU C 16 3.48 -20.62 4.42
C GLU C 16 2.42 -20.06 5.38
N PRO C 17 1.36 -19.44 4.85
CA PRO C 17 0.30 -18.86 5.66
C PRO C 17 -0.63 -19.86 6.36
N PHE C 18 -1.48 -19.24 7.19
CA PHE C 18 -2.73 -19.80 7.79
C PHE C 18 -3.65 -18.87 6.99
#